data_7AYF
#
_entry.id   7AYF
#
_cell.length_a   82.312
_cell.length_b   112.002
_cell.length_c   62.673
_cell.angle_alpha   90.000
_cell.angle_beta   90.000
_cell.angle_gamma   90.000
#
_symmetry.space_group_name_H-M   'C 2 2 21'
#
loop_
_entity.id
_entity.type
_entity.pdbx_description
1 polymer '14-3-3 protein sigma'
2 polymer 'Peptidyl-prolyl cis-trans isomerase NIMA-interacting 1'
3 non-polymer 6-(2-bromanylimidazol-1-yl)pyridine-3-carbaldehyde
4 non-polymer 'CALCIUM ION'
5 water water
#
loop_
_entity_poly.entity_id
_entity_poly.type
_entity_poly.pdbx_seq_one_letter_code
_entity_poly.pdbx_strand_id
1 'polypeptide(L)'
;AMGSMERASLIQKAKLAEQAERYEDMAAFMKGAVEKGEELS(CSO)EERNLLSVAYKNVVGGQRAAWRVLSSIEQKSNEE
GSEEKGPEVREYREKVETELQGVCDTVLGLLDSHLIKEAGDAESRVFYLKMKGDYYRYLAEVATGDDKKRIIDSARSAYQ
EAMDISKKEMPPTNPIRLGLALNFSVFHYEIANSPEEAISLAKTTFDEAMADLHTLSEDSYKDSTLIMQLLRDNLTLWTA
DNAGEEGGEAPQEPQS
;
A
2 'polypeptide(L)' LVKHSQSRRPS(SEP)WRQEK P
#
# COMPACT_ATOMS: atom_id res chain seq x y z
N ALA A 1 -20.66 -4.17 -10.78
CA ALA A 1 -20.87 -5.34 -11.63
C ALA A 1 -21.17 -6.56 -10.77
N MET A 2 -20.78 -6.50 -9.50
CA MET A 2 -20.95 -7.59 -8.55
C MET A 2 -22.19 -7.42 -7.68
N GLY A 3 -23.09 -6.53 -8.07
CA GLY A 3 -24.19 -6.17 -7.19
C GLY A 3 -25.16 -7.30 -6.93
N SER A 4 -25.26 -8.26 -7.84
N SER A 4 -25.25 -8.27 -7.85
CA SER A 4 -26.20 -9.36 -7.66
CA SER A 4 -26.19 -9.38 -7.69
C SER A 4 -25.63 -10.55 -6.90
C SER A 4 -25.64 -10.53 -6.88
N MET A 5 -24.34 -10.55 -6.57
CA MET A 5 -23.75 -11.67 -5.84
C MET A 5 -23.73 -11.42 -4.34
N GLU A 6 -23.98 -12.47 -3.57
CA GLU A 6 -23.93 -12.39 -2.11
C GLU A 6 -22.56 -11.95 -1.61
N ARG A 7 -22.56 -11.16 -0.53
CA ARG A 7 -21.29 -10.76 0.09
C ARG A 7 -20.41 -11.96 0.40
N ALA A 8 -20.98 -12.99 1.04
CA ALA A 8 -20.18 -14.15 1.43
C ALA A 8 -19.60 -14.85 0.21
N SER A 9 -20.37 -14.89 -0.87
CA SER A 9 -19.91 -15.51 -2.11
C SER A 9 -18.78 -14.74 -2.75
N LEU A 10 -18.87 -13.40 -2.75
CA LEU A 10 -17.75 -12.58 -3.23
C LEU A 10 -16.49 -12.85 -2.42
N ILE A 11 -16.61 -12.96 -1.09
CA ILE A 11 -15.42 -13.22 -0.28
C ILE A 11 -14.86 -14.61 -0.58
N GLN A 12 -15.73 -15.61 -0.65
CA GLN A 12 -15.27 -16.96 -0.99
C GLN A 12 -14.56 -16.98 -2.35
N LYS A 13 -15.13 -16.30 -3.36
CA LYS A 13 -14.50 -16.29 -4.67
C LYS A 13 -13.20 -15.48 -4.66
N ALA A 14 -13.11 -14.43 -3.85
CA ALA A 14 -11.84 -13.72 -3.73
C ALA A 14 -10.74 -14.65 -3.24
N LYS A 15 -11.06 -15.52 -2.27
CA LYS A 15 -10.06 -16.46 -1.78
C LYS A 15 -9.68 -17.48 -2.85
N LEU A 16 -10.65 -17.93 -3.64
CA LEU A 16 -10.36 -18.84 -4.74
C LEU A 16 -9.47 -18.17 -5.79
N ALA A 17 -9.78 -16.92 -6.14
CA ALA A 17 -8.98 -16.22 -7.13
C ALA A 17 -7.55 -16.03 -6.64
N GLU A 18 -7.38 -15.78 -5.33
CA GLU A 18 -6.03 -15.71 -4.78
C GLU A 18 -5.27 -17.03 -4.98
N GLN A 19 -5.93 -18.16 -4.69
CA GLN A 19 -5.29 -19.46 -4.89
C GLN A 19 -4.93 -19.69 -6.35
N ALA A 20 -5.75 -19.18 -7.26
CA ALA A 20 -5.53 -19.31 -8.69
C ALA A 20 -4.61 -18.24 -9.23
N GLU A 21 -4.16 -17.31 -8.39
CA GLU A 21 -3.33 -16.17 -8.80
C GLU A 21 -4.03 -15.32 -9.86
N ARG A 22 -5.35 -15.18 -9.70
CA ARG A 22 -6.15 -14.34 -10.60
C ARG A 22 -6.47 -13.05 -9.86
N TYR A 23 -5.48 -12.15 -9.81
CA TYR A 23 -5.61 -10.99 -8.93
C TYR A 23 -6.56 -9.93 -9.45
N GLU A 24 -6.71 -9.81 -10.77
CA GLU A 24 -7.74 -8.90 -11.30
C GLU A 24 -9.12 -9.34 -10.84
N ASP A 25 -9.42 -10.64 -10.99
CA ASP A 25 -10.70 -11.17 -10.49
C ASP A 25 -10.82 -10.94 -8.99
N MET A 26 -9.75 -11.24 -8.25
CA MET A 26 -9.76 -11.07 -6.80
C MET A 26 -10.11 -9.65 -6.41
N ALA A 27 -9.52 -8.67 -7.10
CA ALA A 27 -9.80 -7.27 -6.79
C ALA A 27 -11.25 -6.91 -7.09
N ALA A 28 -11.77 -7.39 -8.22
CA ALA A 28 -13.16 -7.10 -8.57
C ALA A 28 -14.13 -7.71 -7.56
N PHE A 29 -13.84 -8.92 -7.09
CA PHE A 29 -14.68 -9.56 -6.07
C PHE A 29 -14.65 -8.76 -4.78
N MET A 30 -13.45 -8.34 -4.34
CA MET A 30 -13.35 -7.58 -3.11
C MET A 30 -13.94 -6.18 -3.25
N LYS A 31 -13.82 -5.55 -4.43
CA LYS A 31 -14.53 -4.29 -4.66
C LYS A 31 -16.04 -4.48 -4.47
N GLY A 32 -16.58 -5.57 -5.05
CA GLY A 32 -17.98 -5.87 -4.86
C GLY A 32 -18.35 -6.06 -3.40
N ALA A 33 -17.47 -6.74 -2.64
CA ALA A 33 -17.74 -6.94 -1.21
C ALA A 33 -17.76 -5.62 -0.45
N VAL A 34 -16.78 -4.74 -0.71
CA VAL A 34 -16.78 -3.41 -0.09
C VAL A 34 -18.06 -2.66 -0.41
N GLU A 35 -18.51 -2.72 -1.68
CA GLU A 35 -19.69 -1.98 -2.10
C GLU A 35 -20.98 -2.51 -1.49
N LYS A 36 -20.93 -3.65 -0.78
CA LYS A 36 -22.10 -4.05 -0.01
C LYS A 36 -22.38 -3.09 1.15
N GLY A 37 -21.39 -2.30 1.56
CA GLY A 37 -21.60 -1.26 2.54
C GLY A 37 -21.29 -1.65 3.97
N GLU A 38 -21.06 -2.93 4.26
CA GLU A 38 -20.68 -3.34 5.59
C GLU A 38 -19.18 -3.15 5.81
N GLU A 39 -18.79 -2.94 7.07
CA GLU A 39 -17.37 -2.85 7.39
C GLU A 39 -16.69 -4.19 7.10
N LEU A 40 -15.37 -4.15 6.95
CA LEU A 40 -14.59 -5.34 6.62
C LEU A 40 -13.87 -5.88 7.85
N SER A 41 -13.82 -7.21 7.97
CA SER A 41 -13.04 -7.87 9.00
C SER A 41 -11.54 -7.79 8.73
N GLU A 43 -9.49 -10.23 8.21
CA GLU A 43 -9.18 -11.12 7.08
C GLU A 43 -9.62 -10.51 5.75
N GLU A 44 -10.80 -9.87 5.75
CA GLU A 44 -11.33 -9.26 4.52
C GLU A 44 -10.48 -8.06 4.10
N ARG A 45 -10.01 -7.26 5.07
CA ARG A 45 -9.10 -6.18 4.74
C ARG A 45 -7.84 -6.69 4.09
N ASN A 46 -7.31 -7.82 4.57
N ASN A 46 -7.31 -7.82 4.57
CA ASN A 46 -6.12 -8.39 3.96
CA ASN A 46 -6.13 -8.39 3.95
C ASN A 46 -6.40 -8.83 2.52
C ASN A 46 -6.41 -8.82 2.51
N LEU A 47 -7.58 -9.41 2.27
CA LEU A 47 -7.90 -9.83 0.90
C LEU A 47 -7.97 -8.64 -0.03
N LEU A 48 -8.61 -7.56 0.42
CA LEU A 48 -8.70 -6.34 -0.37
C LEU A 48 -7.32 -5.80 -0.70
N SER A 49 -6.45 -5.70 0.32
CA SER A 49 -5.10 -5.16 0.12
C SER A 49 -4.29 -6.04 -0.83
N VAL A 50 -4.26 -7.34 -0.56
CA VAL A 50 -3.47 -8.26 -1.40
C VAL A 50 -3.90 -8.19 -2.85
N ALA A 51 -5.21 -8.09 -3.10
CA ALA A 51 -5.68 -8.13 -4.48
C ALA A 51 -5.19 -6.90 -5.23
N TYR A 52 -5.44 -5.72 -4.69
CA TYR A 52 -5.07 -4.50 -5.41
C TYR A 52 -3.56 -4.29 -5.42
N LYS A 53 -2.84 -4.72 -4.38
CA LYS A 53 -1.39 -4.56 -4.41
C LYS A 53 -0.78 -5.38 -5.53
N ASN A 54 -1.35 -6.55 -5.80
CA ASN A 54 -0.83 -7.37 -6.87
C ASN A 54 -1.19 -6.80 -8.24
N VAL A 55 -2.41 -6.27 -8.38
CA VAL A 55 -2.80 -5.67 -9.66
C VAL A 55 -1.91 -4.47 -9.96
N VAL A 56 -1.84 -3.52 -9.03
CA VAL A 56 -1.07 -2.32 -9.28
C VAL A 56 0.42 -2.65 -9.32
N GLY A 57 0.82 -3.71 -8.62
CA GLY A 57 2.24 -4.08 -8.63
C GLY A 57 2.68 -4.51 -10.01
N GLY A 58 1.85 -5.28 -10.70
CA GLY A 58 2.14 -5.63 -12.08
C GLY A 58 2.14 -4.43 -13.01
N GLN A 59 1.22 -3.49 -12.79
CA GLN A 59 1.20 -2.30 -13.63
C GLN A 59 2.44 -1.44 -13.37
N ARG A 60 2.85 -1.32 -12.11
CA ARG A 60 4.04 -0.53 -11.81
C ARG A 60 5.28 -1.14 -12.44
N ALA A 61 5.41 -2.46 -12.37
CA ALA A 61 6.55 -3.13 -12.98
C ALA A 61 6.56 -2.92 -14.49
N ALA A 62 5.40 -2.98 -15.13
CA ALA A 62 5.34 -2.74 -16.58
C ALA A 62 5.65 -1.28 -16.90
N TRP A 63 5.11 -0.35 -16.10
CA TRP A 63 5.39 1.07 -16.34
C TRP A 63 6.88 1.36 -16.24
N ARG A 64 7.57 0.71 -15.31
CA ARG A 64 9.01 0.96 -15.15
C ARG A 64 9.82 0.42 -16.32
N VAL A 65 9.44 -0.76 -16.84
CA VAL A 65 10.09 -1.28 -18.04
C VAL A 65 9.92 -0.29 -19.19
N LEU A 66 8.69 0.18 -19.40
CA LEU A 66 8.39 1.05 -20.53
C LEU A 66 8.99 2.44 -20.35
N SER A 67 8.98 2.95 -19.11
N SER A 67 8.97 2.96 -19.12
CA SER A 67 9.59 4.25 -18.86
CA SER A 67 9.59 4.26 -18.87
C SER A 67 11.09 4.21 -19.13
C SER A 67 11.10 4.22 -19.12
N SER A 68 11.74 3.10 -18.81
CA SER A 68 13.16 2.96 -19.09
C SER A 68 13.43 2.94 -20.59
N ILE A 69 12.62 2.21 -21.34
CA ILE A 69 12.77 2.21 -22.80
C ILE A 69 12.54 3.60 -23.36
N GLU A 70 11.55 4.32 -22.82
CA GLU A 70 11.25 5.66 -23.31
C GLU A 70 12.41 6.61 -23.05
N GLN A 71 13.04 6.50 -21.88
CA GLN A 71 14.15 7.40 -21.57
C GLN A 71 15.34 7.14 -22.47
N LYS A 72 15.67 5.86 -22.71
CA LYS A 72 16.77 5.56 -23.63
C LYS A 72 16.50 6.14 -25.02
N SER A 73 15.26 6.05 -25.50
CA SER A 73 14.94 6.58 -26.82
C SER A 73 15.03 8.10 -26.86
N ASN A 74 14.80 8.77 -25.73
CA ASN A 74 14.82 10.22 -25.67
C ASN A 74 16.07 10.74 -24.96
N GLY A 82 9.43 6.63 -33.23
CA GLY A 82 8.10 7.21 -33.36
C GLY A 82 7.42 7.43 -32.03
N PRO A 83 6.11 7.68 -32.06
CA PRO A 83 5.37 7.95 -30.82
C PRO A 83 4.96 6.72 -30.04
N GLU A 84 5.34 5.51 -30.49
CA GLU A 84 4.72 4.29 -29.97
C GLU A 84 5.12 4.00 -28.52
N VAL A 85 6.39 4.17 -28.17
CA VAL A 85 6.82 3.89 -26.80
C VAL A 85 6.10 4.82 -25.82
N ARG A 86 6.10 6.12 -26.11
CA ARG A 86 5.38 7.07 -25.27
C ARG A 86 3.90 6.74 -25.20
N GLU A 87 3.28 6.43 -26.34
CA GLU A 87 1.85 6.11 -26.35
C GLU A 87 1.55 4.92 -25.46
N TYR A 88 2.39 3.87 -25.54
CA TYR A 88 2.09 2.66 -24.80
C TYR A 88 2.39 2.83 -23.31
N ARG A 89 3.47 3.55 -22.98
CA ARG A 89 3.70 3.92 -21.59
C ARG A 89 2.51 4.72 -21.04
N GLU A 90 1.98 5.65 -21.84
CA GLU A 90 0.82 6.42 -21.40
C GLU A 90 -0.40 5.53 -21.17
N LYS A 91 -0.60 4.54 -22.04
CA LYS A 91 -1.73 3.64 -21.87
C LYS A 91 -1.64 2.89 -20.55
N VAL A 92 -0.46 2.33 -20.27
CA VAL A 92 -0.27 1.60 -19.02
C VAL A 92 -0.41 2.55 -17.84
N GLU A 93 0.13 3.76 -17.96
CA GLU A 93 0.02 4.77 -16.90
C GLU A 93 -1.42 5.11 -16.60
N THR A 94 -2.25 5.29 -17.63
CA THR A 94 -3.65 5.62 -17.41
C THR A 94 -4.39 4.48 -16.71
N GLU A 95 -4.09 3.24 -17.11
CA GLU A 95 -4.71 2.08 -16.47
C GLU A 95 -4.30 2.00 -15.00
N LEU A 96 -3.01 2.21 -14.72
CA LEU A 96 -2.52 2.26 -13.35
C LEU A 96 -3.23 3.33 -12.54
N GLN A 97 -3.36 4.54 -13.12
CA GLN A 97 -4.02 5.63 -12.40
C GLN A 97 -5.49 5.30 -12.14
N GLY A 98 -6.14 4.60 -13.07
CA GLY A 98 -7.52 4.22 -12.86
C GLY A 98 -7.69 3.25 -11.71
N VAL A 99 -6.77 2.30 -11.58
CA VAL A 99 -6.84 1.36 -10.46
C VAL A 99 -6.59 2.10 -9.14
N CYS A 100 -5.59 2.98 -9.09
CA CYS A 100 -5.36 3.74 -7.86
C CYS A 100 -6.59 4.57 -7.50
N ASP A 101 -7.21 5.21 -8.50
CA ASP A 101 -8.41 6.01 -8.25
C ASP A 101 -9.54 5.15 -7.72
N THR A 102 -9.66 3.92 -8.24
CA THR A 102 -10.71 3.01 -7.77
C THR A 102 -10.51 2.68 -6.30
N VAL A 103 -9.29 2.31 -5.92
CA VAL A 103 -8.99 1.97 -4.53
C VAL A 103 -9.23 3.17 -3.63
N LEU A 104 -8.70 4.34 -4.02
CA LEU A 104 -8.88 5.55 -3.21
C LEU A 104 -10.36 5.88 -3.07
N GLY A 105 -11.14 5.60 -4.11
CA GLY A 105 -12.59 5.82 -4.01
C GLY A 105 -13.25 4.89 -3.02
N LEU A 106 -12.80 3.63 -2.95
CA LEU A 106 -13.36 2.72 -1.96
C LEU A 106 -13.02 3.18 -0.55
N LEU A 107 -11.79 3.66 -0.36
CA LEU A 107 -11.39 4.12 0.97
C LEU A 107 -12.19 5.35 1.38
N ASP A 108 -12.49 6.23 0.42
N ASP A 108 -12.48 6.25 0.43
CA ASP A 108 -13.21 7.46 0.69
CA ASP A 108 -13.22 7.45 0.78
C ASP A 108 -14.72 7.27 0.75
C ASP A 108 -14.72 7.21 0.85
N SER A 109 -15.24 6.18 0.18
CA SER A 109 -16.68 5.91 0.12
C SER A 109 -16.92 4.42 0.37
N HIS A 110 -16.85 3.98 1.63
CA HIS A 110 -16.82 4.82 2.83
C HIS A 110 -16.01 4.12 3.92
N LEU A 111 -14.96 3.41 3.49
CA LEU A 111 -14.22 2.55 4.41
C LEU A 111 -13.59 3.35 5.55
N ILE A 112 -12.94 4.47 5.22
CA ILE A 112 -12.19 5.19 6.26
C ILE A 112 -13.14 5.83 7.27
N LYS A 113 -14.21 6.49 6.80
CA LYS A 113 -15.06 7.19 7.74
C LYS A 113 -15.78 6.24 8.70
N GLU A 114 -15.99 4.98 8.30
CA GLU A 114 -16.63 4.04 9.21
C GLU A 114 -15.64 3.26 10.08
N ALA A 115 -14.33 3.49 9.92
CA ALA A 115 -13.31 2.73 10.63
C ALA A 115 -12.96 3.44 11.94
N GLY A 116 -13.40 2.87 13.05
CA GLY A 116 -13.20 3.51 14.34
C GLY A 116 -12.12 2.86 15.18
N ASP A 117 -11.88 1.57 14.97
CA ASP A 117 -10.82 0.88 15.67
C ASP A 117 -9.48 1.22 15.06
N ALA A 118 -8.45 1.28 15.92
CA ALA A 118 -7.12 1.60 15.45
C ALA A 118 -6.65 0.64 14.35
N GLU A 119 -6.90 -0.67 14.51
CA GLU A 119 -6.37 -1.62 13.52
C GLU A 119 -6.98 -1.38 12.15
N SER A 120 -8.27 -1.10 12.07
CA SER A 120 -8.87 -0.85 10.76
C SER A 120 -8.51 0.53 10.23
N ARG A 121 -8.55 1.56 11.09
CA ARG A 121 -8.31 2.91 10.58
C ARG A 121 -6.87 3.09 10.10
N VAL A 122 -5.89 2.56 10.85
CA VAL A 122 -4.51 2.62 10.42
C VAL A 122 -4.32 1.81 9.13
N PHE A 123 -4.95 0.64 9.05
CA PHE A 123 -4.84 -0.18 7.83
C PHE A 123 -5.31 0.59 6.59
N TYR A 124 -6.46 1.24 6.67
CA TYR A 124 -6.98 1.95 5.52
C TYR A 124 -6.17 3.21 5.22
N LEU A 125 -5.69 3.91 6.25
CA LEU A 125 -4.89 5.12 5.99
C LEU A 125 -3.54 4.77 5.39
N LYS A 126 -2.95 3.65 5.81
CA LYS A 126 -1.73 3.17 5.15
C LYS A 126 -2.01 2.87 3.67
N MET A 127 -3.14 2.22 3.37
CA MET A 127 -3.51 2.00 1.97
C MET A 127 -3.64 3.33 1.22
N LYS A 128 -4.31 4.31 1.83
CA LYS A 128 -4.48 5.59 1.16
C LYS A 128 -3.13 6.22 0.86
N GLY A 129 -2.21 6.18 1.83
CA GLY A 129 -0.86 6.65 1.56
C GLY A 129 -0.19 5.89 0.44
N ASP A 130 -0.32 4.57 0.43
CA ASP A 130 0.33 3.76 -0.59
C ASP A 130 -0.18 4.11 -1.99
N TYR A 131 -1.50 4.25 -2.16
CA TYR A 131 -1.99 4.45 -3.52
C TYR A 131 -1.76 5.87 -4.00
N TYR A 132 -1.71 6.86 -3.09
CA TYR A 132 -1.22 8.17 -3.50
C TYR A 132 0.27 8.13 -3.84
N ARG A 133 1.04 7.31 -3.12
CA ARG A 133 2.44 7.12 -3.50
C ARG A 133 2.57 6.54 -4.90
N TYR A 134 1.76 5.56 -5.25
CA TYR A 134 1.84 4.99 -6.60
C TYR A 134 1.46 6.02 -7.66
N LEU A 135 0.44 6.84 -7.37
CA LEU A 135 0.14 7.97 -8.25
C LEU A 135 1.33 8.92 -8.35
N ALA A 136 2.01 9.17 -7.22
CA ALA A 136 3.16 10.08 -7.26
C ALA A 136 4.31 9.52 -8.09
N GLU A 137 4.48 8.19 -8.13
CA GLU A 137 5.58 7.61 -8.90
C GLU A 137 5.51 7.99 -10.38
N VAL A 138 4.31 8.21 -10.90
CA VAL A 138 4.13 8.52 -12.32
C VAL A 138 3.73 9.96 -12.56
N ALA A 139 3.61 10.77 -11.51
CA ALA A 139 3.11 12.14 -11.66
C ALA A 139 4.19 13.06 -12.20
N THR A 140 3.79 13.97 -13.09
CA THR A 140 4.69 14.96 -13.67
C THR A 140 4.06 16.33 -13.86
N GLY A 141 2.76 16.49 -13.69
CA GLY A 141 2.07 17.73 -14.00
C GLY A 141 1.95 18.68 -12.83
N ASP A 142 0.97 19.56 -12.92
CA ASP A 142 0.76 20.61 -11.92
C ASP A 142 0.19 20.09 -10.61
N ASP A 143 -0.28 18.85 -10.55
CA ASP A 143 -0.83 18.29 -9.33
C ASP A 143 0.15 17.37 -8.62
N LYS A 144 1.39 17.26 -9.11
CA LYS A 144 2.33 16.31 -8.51
C LYS A 144 2.61 16.65 -7.05
N LYS A 145 2.79 17.93 -6.73
CA LYS A 145 3.06 18.30 -5.35
C LYS A 145 1.86 17.98 -4.47
N ARG A 146 0.64 18.20 -4.97
CA ARG A 146 -0.53 17.90 -4.18
C ARG A 146 -0.71 16.40 -4.00
N ILE A 147 -0.35 15.60 -5.01
CA ILE A 147 -0.41 14.15 -4.85
C ILE A 147 0.56 13.69 -3.75
N ILE A 148 1.77 14.24 -3.77
CA ILE A 148 2.76 13.90 -2.76
C ILE A 148 2.26 14.26 -1.37
N ASP A 149 1.67 15.44 -1.22
CA ASP A 149 1.20 15.84 0.10
C ASP A 149 0.00 15.02 0.54
N SER A 150 -0.81 14.53 -0.40
CA SER A 150 -1.90 13.65 -0.02
C SER A 150 -1.38 12.33 0.52
N ALA A 151 -0.32 11.79 -0.09
CA ALA A 151 0.29 10.58 0.47
C ALA A 151 0.85 10.86 1.86
N ARG A 152 1.62 11.94 1.99
N ARG A 152 1.62 11.94 1.99
CA ARG A 152 2.22 12.32 3.27
CA ARG A 152 2.22 12.30 3.28
C ARG A 152 1.16 12.47 4.34
C ARG A 152 1.16 12.47 4.35
N SER A 153 0.06 13.16 4.03
CA SER A 153 -0.97 13.43 5.02
C SER A 153 -1.61 12.14 5.51
N ALA A 154 -1.89 11.22 4.58
CA ALA A 154 -2.50 9.96 4.97
C ALA A 154 -1.56 9.13 5.83
N TYR A 155 -0.30 9.00 5.40
CA TYR A 155 0.69 8.27 6.20
C TYR A 155 0.84 8.89 7.59
N GLN A 156 0.87 10.23 7.65
CA GLN A 156 1.09 10.91 8.94
C GLN A 156 -0.05 10.66 9.90
N GLU A 157 -1.30 10.74 9.43
CA GLU A 157 -2.42 10.42 10.32
C GLU A 157 -2.33 8.98 10.80
N ALA A 158 -1.98 8.05 9.92
CA ALA A 158 -1.83 6.66 10.32
C ALA A 158 -0.72 6.51 11.36
N MET A 159 0.40 7.21 11.16
CA MET A 159 1.49 7.13 12.13
C MET A 159 1.05 7.63 13.49
N ASP A 160 0.34 8.76 13.52
CA ASP A 160 -0.07 9.34 14.79
C ASP A 160 -0.96 8.37 15.57
N ILE A 161 -1.93 7.75 14.89
CA ILE A 161 -2.82 6.79 15.54
C ILE A 161 -2.03 5.57 16.01
N SER A 162 -1.12 5.07 15.16
CA SER A 162 -0.43 3.82 15.49
C SER A 162 0.49 4.00 16.69
N LYS A 163 1.15 5.16 16.79
CA LYS A 163 2.00 5.40 17.95
C LYS A 163 1.19 5.52 19.23
N LYS A 164 -0.03 6.05 19.14
CA LYS A 164 -0.86 6.19 20.33
C LYS A 164 -1.54 4.89 20.74
N GLU A 165 -1.93 4.06 19.77
CA GLU A 165 -2.85 2.96 20.02
C GLU A 165 -2.27 1.57 19.83
N MET A 166 -1.06 1.44 19.30
CA MET A 166 -0.54 0.11 18.98
C MET A 166 0.84 -0.09 19.59
N PRO A 167 1.19 -1.32 19.95
CA PRO A 167 2.55 -1.60 20.40
C PRO A 167 3.54 -1.47 19.25
N PRO A 168 4.83 -1.22 19.56
CA PRO A 168 5.81 -0.99 18.48
C PRO A 168 6.03 -2.18 17.58
N THR A 169 5.62 -3.38 17.98
CA THR A 169 5.80 -4.59 17.20
C THR A 169 4.59 -4.93 16.35
N ASN A 170 3.52 -4.18 16.47
CA ASN A 170 2.32 -4.50 15.72
C ASN A 170 2.61 -4.53 14.22
N PRO A 171 2.28 -5.61 13.52
CA PRO A 171 2.64 -5.72 12.09
C PRO A 171 2.14 -4.59 11.21
N ILE A 172 0.92 -4.07 11.44
CA ILE A 172 0.46 -2.97 10.61
C ILE A 172 1.22 -1.70 10.92
N ARG A 173 1.56 -1.48 12.21
CA ARG A 173 2.40 -0.34 12.55
C ARG A 173 3.77 -0.46 11.88
N LEU A 174 4.34 -1.66 11.87
CA LEU A 174 5.66 -1.86 11.25
C LEU A 174 5.59 -1.67 9.75
N GLY A 175 4.58 -2.26 9.09
CA GLY A 175 4.45 -2.10 7.66
C GLY A 175 4.20 -0.66 7.25
N LEU A 176 3.40 0.05 8.05
CA LEU A 176 3.16 1.47 7.78
C LEU A 176 4.46 2.26 7.86
N ALA A 177 5.25 2.02 8.90
CA ALA A 177 6.50 2.76 9.04
C ALA A 177 7.46 2.42 7.91
N LEU A 178 7.57 1.15 7.55
CA LEU A 178 8.34 0.73 6.39
C LEU A 178 7.96 1.53 5.15
N ASN A 179 6.66 1.59 4.84
CA ASN A 179 6.23 2.23 3.59
C ASN A 179 6.35 3.75 3.66
N PHE A 180 6.10 4.35 4.83
CA PHE A 180 6.33 5.79 4.97
C PHE A 180 7.81 6.10 4.77
N SER A 181 8.69 5.21 5.25
N SER A 181 8.69 5.22 5.25
CA SER A 181 10.12 5.44 5.04
CA SER A 181 10.12 5.42 5.04
C SER A 181 10.49 5.33 3.55
C SER A 181 10.47 5.33 3.56
N VAL A 182 9.87 4.39 2.83
CA VAL A 182 10.09 4.32 1.38
C VAL A 182 9.57 5.59 0.71
N PHE A 183 8.40 6.09 1.17
CA PHE A 183 7.90 7.36 0.67
C PHE A 183 8.93 8.47 0.85
N HIS A 184 9.48 8.58 2.06
CA HIS A 184 10.48 9.62 2.32
C HIS A 184 11.66 9.50 1.37
N TYR A 185 12.11 8.27 1.14
CA TYR A 185 13.34 8.08 0.38
C TYR A 185 13.10 8.30 -1.10
N GLU A 186 12.06 7.68 -1.63
CA GLU A 186 11.86 7.58 -3.07
C GLU A 186 11.01 8.71 -3.64
N ILE A 187 10.11 9.29 -2.86
CA ILE A 187 9.14 10.25 -3.35
C ILE A 187 9.46 11.66 -2.85
N ALA A 188 9.72 11.82 -1.56
CA ALA A 188 9.88 13.13 -0.95
C ALA A 188 11.31 13.63 -0.98
N ASN A 189 12.25 12.84 -1.51
CA ASN A 189 13.65 13.26 -1.59
C ASN A 189 14.19 13.60 -0.21
N SER A 190 13.82 12.78 0.78
CA SER A 190 14.24 12.98 2.17
C SER A 190 14.87 11.69 2.68
N PRO A 191 16.05 11.33 2.16
CA PRO A 191 16.65 10.06 2.58
C PRO A 191 17.05 10.04 4.05
N GLU A 192 17.43 11.17 4.63
CA GLU A 192 17.76 11.16 6.06
C GLU A 192 16.52 10.88 6.90
N GLU A 193 15.38 11.47 6.54
CA GLU A 193 14.14 11.13 7.24
C GLU A 193 13.80 9.65 7.09
N ALA A 194 13.98 9.12 5.87
CA ALA A 194 13.74 7.69 5.62
C ALA A 194 14.58 6.81 6.53
N ILE A 195 15.88 7.11 6.62
CA ILE A 195 16.78 6.29 7.43
C ILE A 195 16.44 6.41 8.90
N SER A 196 16.19 7.64 9.37
N SER A 196 16.19 7.64 9.37
CA SER A 196 15.85 7.84 10.77
CA SER A 196 15.85 7.84 10.77
C SER A 196 14.58 7.11 11.15
C SER A 196 14.59 7.10 11.16
N LEU A 197 13.55 7.18 10.32
CA LEU A 197 12.31 6.48 10.62
C LEU A 197 12.53 4.97 10.67
N ALA A 198 13.28 4.43 9.71
CA ALA A 198 13.53 2.99 9.67
C ALA A 198 14.30 2.52 10.90
N LYS A 199 15.34 3.27 11.27
CA LYS A 199 16.16 2.90 12.44
C LYS A 199 15.35 2.96 13.73
N THR A 200 14.65 4.06 13.96
CA THR A 200 13.85 4.20 15.18
C THR A 200 12.76 3.14 15.24
N THR A 201 12.12 2.85 14.11
CA THR A 201 11.08 1.82 14.08
C THR A 201 11.65 0.45 14.44
N PHE A 202 12.79 0.12 13.84
CA PHE A 202 13.42 -1.17 14.11
C PHE A 202 13.84 -1.30 15.57
N ASP A 203 14.49 -0.26 16.10
CA ASP A 203 15.00 -0.32 17.47
C ASP A 203 13.86 -0.43 18.49
N GLU A 204 12.77 0.32 18.30
CA GLU A 204 11.68 0.24 19.25
C GLU A 204 10.93 -1.08 19.14
N ALA A 205 10.90 -1.68 17.94
CA ALA A 205 10.30 -3.01 17.83
C ALA A 205 11.19 -4.04 18.52
N MET A 206 12.50 -3.97 18.33
CA MET A 206 13.40 -4.92 18.97
C MET A 206 13.19 -4.97 20.48
N ALA A 207 13.00 -3.81 21.11
CA ALA A 207 12.84 -3.72 22.56
C ALA A 207 11.48 -4.21 23.05
N ASP A 208 10.51 -4.44 22.15
CA ASP A 208 9.18 -4.93 22.50
C ASP A 208 9.00 -6.41 22.17
N LEU A 209 10.00 -7.05 21.54
CA LEU A 209 9.83 -8.43 21.12
C LEU A 209 9.63 -9.37 22.30
N HIS A 210 10.18 -9.02 23.46
CA HIS A 210 10.12 -9.92 24.61
C HIS A 210 8.69 -10.16 25.09
N THR A 211 7.76 -9.31 24.68
CA THR A 211 6.37 -9.43 25.12
C THR A 211 5.57 -10.41 24.28
N LEU A 212 6.12 -10.92 23.19
CA LEU A 212 5.37 -11.61 22.16
C LEU A 212 5.44 -13.12 22.29
N SER A 213 4.37 -13.78 21.85
CA SER A 213 4.36 -15.21 21.59
C SER A 213 5.28 -15.54 20.42
N GLU A 214 5.54 -16.84 20.25
CA GLU A 214 6.40 -17.29 19.16
C GLU A 214 5.82 -16.91 17.80
N ASP A 215 4.50 -17.03 17.63
CA ASP A 215 3.91 -16.70 16.34
C ASP A 215 3.92 -15.20 16.08
N SER A 216 3.64 -14.40 17.12
CA SER A 216 3.70 -12.94 16.97
C SER A 216 5.14 -12.47 16.73
N TYR A 217 6.09 -13.06 17.44
CA TYR A 217 7.51 -12.84 17.18
C TYR A 217 7.85 -13.05 15.71
N LYS A 218 7.34 -14.13 15.12
CA LYS A 218 7.63 -14.40 13.71
C LYS A 218 7.04 -13.33 12.81
N ASP A 219 5.79 -12.93 13.06
CA ASP A 219 5.14 -11.88 12.28
C ASP A 219 5.95 -10.58 12.32
N SER A 220 6.40 -10.19 13.51
CA SER A 220 7.08 -8.90 13.67
C SER A 220 8.50 -8.93 13.08
N THR A 221 9.25 -9.99 13.34
CA THR A 221 10.63 -10.00 12.87
C THR A 221 10.71 -10.07 11.35
N LEU A 222 9.70 -10.66 10.70
CA LEU A 222 9.65 -10.66 9.25
C LEU A 222 9.68 -9.24 8.68
N ILE A 223 8.85 -8.35 9.24
CA ILE A 223 8.79 -6.99 8.73
C ILE A 223 9.99 -6.18 9.20
N MET A 224 10.50 -6.47 10.40
CA MET A 224 11.74 -5.84 10.84
C MET A 224 12.89 -6.14 9.88
N GLN A 225 12.92 -7.34 9.30
CA GLN A 225 13.98 -7.66 8.35
C GLN A 225 13.90 -6.78 7.10
N LEU A 226 12.68 -6.41 6.67
CA LEU A 226 12.57 -5.50 5.54
C LEU A 226 13.11 -4.11 5.87
N LEU A 227 12.84 -3.62 7.09
CA LEU A 227 13.47 -2.39 7.53
C LEU A 227 14.99 -2.51 7.50
N ARG A 228 15.51 -3.64 7.99
CA ARG A 228 16.96 -3.85 7.99
C ARG A 228 17.51 -3.89 6.58
N ASP A 229 16.80 -4.56 5.66
CA ASP A 229 17.25 -4.61 4.27
C ASP A 229 17.37 -3.22 3.67
N ASN A 230 16.40 -2.33 3.96
CA ASN A 230 16.47 -0.98 3.43
C ASN A 230 17.61 -0.19 4.05
N LEU A 231 17.79 -0.29 5.37
CA LEU A 231 18.92 0.39 6.00
C LEU A 231 20.24 -0.06 5.41
N THR A 232 20.37 -1.35 5.09
CA THR A 232 21.57 -1.87 4.45
C THR A 232 21.75 -1.30 3.05
N LEU A 233 20.64 -1.14 2.33
CA LEU A 233 20.71 -0.55 1.01
C LEU A 233 21.08 0.93 1.07
N TRP A 234 20.61 1.63 2.11
CA TRP A 234 20.70 3.08 2.17
C TRP A 234 21.92 3.59 2.92
N THR A 235 22.61 2.75 3.69
CA THR A 235 23.75 3.21 4.47
C THR A 235 25.02 2.41 4.20
N ARG B 9 13.27 -0.15 -6.01
CA ARG B 9 14.57 -0.59 -5.50
C ARG B 9 14.55 -0.95 -4.00
N PRO B 10 14.00 -0.10 -3.13
CA PRO B 10 13.85 -0.50 -1.72
C PRO B 10 12.61 -1.36 -1.52
N SER B 11 12.56 -2.01 -0.36
CA SER B 11 11.46 -2.91 -0.06
C SER B 11 10.32 -2.18 0.64
N TRP B 13 6.25 -2.92 2.02
CA TRP B 13 5.72 -4.11 2.66
C TRP B 13 5.22 -5.12 1.63
N ARG B 14 5.47 -6.41 1.90
CA ARG B 14 5.03 -7.49 1.02
C ARG B 14 4.76 -8.74 1.84
N GLN B 15 3.94 -9.63 1.28
CA GLN B 15 3.64 -10.91 1.94
C GLN B 15 4.65 -11.97 1.50
#